data_5JT7
#
_entry.id   5JT7
#
_cell.length_a   90.322
_cell.length_b   64.214
_cell.length_c   71.238
_cell.angle_alpha   90.00
_cell.angle_beta   93.16
_cell.angle_gamma   90.00
#
_symmetry.space_group_name_H-M   'C 1 2 1'
#
loop_
_entity.id
_entity.type
_entity.pdbx_description
1 polymer 'Queuine tRNA-ribosyltransferase'
2 non-polymer 'ZINC ION'
3 non-polymer GLYCEROL
4 non-polymer N-(2-{[2-(morpholin-4-yl)ethyl]amino}-1H-benzimidazol-5-yl)guanidine
5 water water
#
_entity_poly.entity_id   1
_entity_poly.type   'polypeptide(L)'
_entity_poly.pdbx_seq_one_letter_code
;MVEATAQETDRPRFSFSIAAREGKARTGTIEMKRGVIRTPAFMPVGTAATVKALKPETVRATGADIILGNTYHLMLRPGA
ERIAKLGGLHSFMGWDRPILTDSGGYQVMSLSSLTKQSEEGVTFKSHLDGSRHMLSPERSIEIQHLLGSDIVMAFDECTP
YPATPSRAASSMERSMRWAKRSRDAFDSRKEQAENAALFGIQQGSVFENLRQQSADALAEIGFDGYAVGGLAVGEGQDEM
FRVLDFSVPMLPDDKPHYLMGVGKPDDIVGAVERGIDMFDCVLPTRSGRNGQAFTWDGPINIRNARFSEDLKPLDSECHC
AVCQKWSRAYIHHLIRAGEILGAMLMTEHNIAFYQQLMQKIRDSISEGRFSQFAQDFRARYFARNS
;
_entity_poly.pdbx_strand_id   A
#
loop_
_chem_comp.id
_chem_comp.type
_chem_comp.name
_chem_comp.formula
6N2 non-polymer N-(2-{[2-(morpholin-4-yl)ethyl]amino}-1H-benzimidazol-5-yl)guanidine 'C14 H21 N7 O'
GOL non-polymer GLYCEROL 'C3 H8 O3'
ZN non-polymer 'ZINC ION' 'Zn 2'
#
# COMPACT_ATOMS: atom_id res chain seq x y z
N ARG A 11 23.63 5.87 5.21
CA ARG A 11 22.34 5.64 4.56
C ARG A 11 21.61 6.95 4.31
N PRO A 12 21.07 7.11 3.11
CA PRO A 12 20.41 8.38 2.77
C PRO A 12 18.98 8.46 3.30
N ARG A 13 18.49 9.70 3.38
CA ARG A 13 17.12 9.95 3.84
C ARG A 13 16.11 9.33 2.89
N PHE A 14 16.30 9.54 1.59
CA PHE A 14 15.40 9.06 0.55
C PHE A 14 16.10 9.16 -0.80
N SER A 15 16.44 8.02 -1.41
CA SER A 15 17.09 8.01 -2.72
C SER A 15 16.40 6.96 -3.58
N PHE A 16 15.69 7.41 -4.61
CA PHE A 16 15.03 6.52 -5.56
C PHE A 16 15.90 6.39 -6.79
N SER A 17 16.23 5.14 -7.16
N SER A 17 16.24 5.14 -7.13
CA SER A 17 17.06 4.88 -8.32
CA SER A 17 17.06 4.83 -8.30
C SER A 17 16.40 3.81 -9.18
C SER A 17 16.31 3.83 -9.16
N ILE A 18 16.17 4.13 -10.45
CA ILE A 18 15.56 3.22 -11.40
C ILE A 18 16.68 2.44 -12.08
N ALA A 19 16.70 1.12 -11.88
CA ALA A 19 17.75 0.29 -12.46
C ALA A 19 17.40 -0.23 -13.85
N ALA A 20 16.12 -0.38 -14.16
CA ALA A 20 15.73 -0.93 -15.46
C ALA A 20 14.31 -0.53 -15.79
N ARG A 21 14.01 -0.47 -17.09
N ARG A 21 14.02 -0.47 -17.09
CA ARG A 21 12.69 -0.09 -17.56
CA ARG A 21 12.71 -0.11 -17.58
C ARG A 21 12.26 -0.97 -18.73
C ARG A 21 12.27 -1.08 -18.67
N GLU A 22 10.96 -1.19 -18.83
CA GLU A 22 10.38 -1.87 -19.98
C GLU A 22 9.03 -1.22 -20.24
N GLY A 23 8.93 -0.49 -21.35
CA GLY A 23 7.74 0.30 -21.59
C GLY A 23 7.59 1.34 -20.50
N LYS A 24 6.39 1.43 -19.92
CA LYS A 24 6.15 2.32 -18.79
C LYS A 24 6.60 1.72 -17.46
N ALA A 25 6.94 0.44 -17.44
CA ALA A 25 7.26 -0.25 -16.19
C ALA A 25 8.69 0.06 -15.77
N ARG A 26 8.91 0.17 -14.46
CA ARG A 26 10.22 0.47 -13.91
C ARG A 26 10.51 -0.49 -12.77
N THR A 27 11.79 -0.77 -12.55
CA THR A 27 12.21 -1.48 -11.35
C THR A 27 13.44 -0.82 -10.78
N GLY A 28 13.56 -0.83 -9.46
CA GLY A 28 14.66 -0.15 -8.81
C GLY A 28 14.61 -0.22 -7.30
N THR A 29 15.14 0.81 -6.62
CA THR A 29 15.23 0.79 -5.17
C THR A 29 14.95 2.17 -4.62
N ILE A 30 14.35 2.20 -3.42
CA ILE A 30 14.29 3.41 -2.60
C ILE A 30 15.15 3.16 -1.39
N GLU A 31 16.23 3.92 -1.23
CA GLU A 31 17.06 3.79 -0.04
C GLU A 31 16.63 4.80 1.00
N MET A 32 16.44 4.33 2.23
CA MET A 32 16.05 5.17 3.35
C MET A 32 16.91 4.80 4.56
N LYS A 33 16.80 5.60 5.62
CA LYS A 33 17.69 5.36 6.76
C LYS A 33 17.42 4.01 7.43
N ARG A 34 16.17 3.55 7.45
N ARG A 34 16.16 3.55 7.45
CA ARG A 34 15.85 2.28 8.08
CA ARG A 34 15.83 2.28 8.08
C ARG A 34 15.92 1.09 7.12
C ARG A 34 15.83 1.11 7.09
N GLY A 35 16.25 1.30 5.86
CA GLY A 35 16.45 0.16 4.97
C GLY A 35 16.11 0.48 3.53
N VAL A 36 16.28 -0.53 2.68
CA VAL A 36 16.06 -0.42 1.25
C VAL A 36 14.72 -1.03 0.88
N ILE A 37 14.02 -0.37 -0.04
CA ILE A 37 12.71 -0.79 -0.54
C ILE A 37 12.89 -1.15 -2.01
N ARG A 38 12.66 -2.42 -2.35
CA ARG A 38 12.73 -2.84 -3.74
C ARG A 38 11.43 -2.52 -4.45
N THR A 39 11.51 -1.90 -5.62
CA THR A 39 10.31 -1.53 -6.37
C THR A 39 10.26 -2.22 -7.74
N PRO A 40 9.05 -2.58 -8.23
CA PRO A 40 7.76 -2.33 -7.58
C PRO A 40 7.61 -3.06 -6.23
N ALA A 41 7.03 -2.37 -5.25
CA ALA A 41 6.95 -2.84 -3.88
C ALA A 41 5.50 -3.07 -3.50
N PHE A 42 5.24 -4.12 -2.70
CA PHE A 42 3.96 -4.28 -2.05
C PHE A 42 4.12 -4.09 -0.54
N MET A 43 3.29 -3.22 0.05
CA MET A 43 3.33 -2.92 1.47
C MET A 43 2.20 -3.63 2.19
N PRO A 44 2.48 -4.64 3.02
CA PRO A 44 1.43 -5.19 3.88
C PRO A 44 0.88 -4.11 4.80
N VAL A 45 -0.41 -4.18 5.07
CA VAL A 45 -1.11 -3.16 5.84
C VAL A 45 -1.14 -3.57 7.31
N GLY A 46 -0.70 -2.65 8.17
CA GLY A 46 -0.69 -2.88 9.60
C GLY A 46 -1.50 -1.85 10.36
N THR A 47 -2.83 -1.88 10.14
CA THR A 47 -3.73 -0.81 10.57
C THR A 47 -3.55 -0.42 12.03
N ALA A 48 -3.62 -1.39 12.94
CA ALA A 48 -3.55 -1.04 14.36
C ALA A 48 -2.21 -1.44 14.98
N ALA A 49 -1.12 -1.05 14.32
CA ALA A 49 0.25 -1.35 14.77
C ALA A 49 0.49 -2.85 14.81
N THR A 50 -0.16 -3.57 13.91
CA THR A 50 0.15 -4.99 13.69
C THR A 50 -0.33 -5.36 12.30
N VAL A 51 0.48 -6.12 11.57
CA VAL A 51 0.01 -6.77 10.35
C VAL A 51 -0.72 -8.01 10.83
N LYS A 52 -2.04 -8.07 10.59
CA LYS A 52 -2.92 -8.94 11.36
C LYS A 52 -2.45 -10.40 11.28
N ALA A 53 -2.31 -11.02 12.46
CA ALA A 53 -1.93 -12.42 12.69
C ALA A 53 -0.48 -12.77 12.34
N LEU A 54 0.41 -11.78 12.17
CA LEU A 54 1.81 -12.06 11.88
C LEU A 54 2.72 -11.30 12.83
N LYS A 55 3.69 -12.01 13.41
CA LYS A 55 4.83 -11.31 14.01
C LYS A 55 5.58 -10.52 12.94
N PRO A 56 6.18 -9.37 13.30
CA PRO A 56 7.00 -8.63 12.33
C PRO A 56 8.10 -9.45 11.69
N GLU A 57 8.73 -10.37 12.45
CA GLU A 57 9.77 -11.21 11.85
C GLU A 57 9.20 -12.05 10.73
N THR A 58 7.95 -12.49 10.87
CA THR A 58 7.28 -13.25 9.82
C THR A 58 6.95 -12.37 8.62
N VAL A 59 6.51 -11.15 8.87
CA VAL A 59 6.30 -10.20 7.77
C VAL A 59 7.61 -10.03 6.98
N ARG A 60 8.72 -9.84 7.69
CA ARG A 60 9.99 -9.69 7.00
C ARG A 60 10.37 -10.96 6.24
N ALA A 61 10.11 -12.13 6.85
CA ALA A 61 10.47 -13.40 6.23
C ALA A 61 9.79 -13.59 4.89
N THR A 62 8.56 -13.07 4.73
CA THR A 62 7.85 -13.17 3.46
C THR A 62 8.49 -12.33 2.36
N GLY A 63 9.38 -11.40 2.71
CA GLY A 63 10.05 -10.55 1.74
C GLY A 63 9.66 -9.09 1.80
N ALA A 64 8.73 -8.69 2.68
CA ALA A 64 8.33 -7.30 2.76
C ALA A 64 9.49 -6.41 3.19
N ASP A 65 9.63 -5.28 2.50
CA ASP A 65 10.63 -4.26 2.81
C ASP A 65 10.07 -3.11 3.63
N ILE A 66 8.75 -2.93 3.61
CA ILE A 66 8.08 -1.77 4.22
C ILE A 66 6.65 -2.17 4.46
N ILE A 67 6.05 -1.65 5.54
CA ILE A 67 4.66 -1.89 5.87
C ILE A 67 3.94 -0.55 5.96
N LEU A 68 2.61 -0.62 5.98
CA LEU A 68 1.78 0.59 6.05
C LEU A 68 1.07 0.66 7.40
N GLY A 69 1.10 1.84 8.03
CA GLY A 69 0.31 2.14 9.20
C GLY A 69 -0.66 3.27 8.89
N ASN A 70 -1.56 3.55 9.82
N ASN A 70 -1.55 3.57 9.84
CA ASN A 70 -2.63 4.52 9.54
CA ASN A 70 -2.67 4.47 9.61
C ASN A 70 -2.73 5.56 10.64
C ASN A 70 -2.73 5.57 10.67
N THR A 71 -2.68 6.83 10.23
CA THR A 71 -2.79 7.94 11.18
C THR A 71 -4.12 7.92 11.92
N TYR A 72 -5.22 7.65 11.21
CA TYR A 72 -6.55 7.71 11.83
C TYR A 72 -6.69 6.67 12.93
N HIS A 73 -6.31 5.42 12.66
CA HIS A 73 -6.52 4.38 13.65
C HIS A 73 -5.62 4.59 14.87
N LEU A 74 -4.35 4.89 14.64
CA LEU A 74 -3.40 4.99 15.75
C LEU A 74 -3.64 6.23 16.60
N MET A 75 -4.17 7.31 16.00
CA MET A 75 -4.47 8.49 16.81
C MET A 75 -5.63 8.24 17.77
N LEU A 76 -6.51 7.29 17.45
CA LEU A 76 -7.61 6.92 18.32
C LEU A 76 -7.21 5.83 19.31
N ARG A 77 -6.40 4.88 18.88
CA ARG A 77 -5.99 3.75 19.69
C ARG A 77 -4.67 3.23 19.14
N PRO A 78 -3.60 3.30 19.93
CA PRO A 78 -3.55 3.71 21.34
C PRO A 78 -3.34 5.20 21.61
N GLY A 79 -3.18 6.03 20.57
CA GLY A 79 -2.92 7.45 20.73
C GLY A 79 -1.54 7.80 20.20
N ALA A 80 -1.44 8.94 19.50
CA ALA A 80 -0.17 9.28 18.87
C ALA A 80 0.84 9.78 19.89
N GLU A 81 0.40 10.62 20.82
CA GLU A 81 1.32 11.09 21.86
C GLU A 81 1.78 9.93 22.73
N ARG A 82 0.87 9.00 23.03
CA ARG A 82 1.24 7.81 23.83
C ARG A 82 2.28 6.98 23.11
N ILE A 83 2.08 6.71 21.81
CA ILE A 83 3.08 5.95 21.07
C ILE A 83 4.43 6.67 21.08
N ALA A 84 4.42 8.01 20.96
CA ALA A 84 5.67 8.73 20.99
C ALA A 84 6.35 8.59 22.34
N LYS A 85 5.56 8.66 23.42
CA LYS A 85 6.10 8.50 24.77
C LYS A 85 6.69 7.11 24.95
N LEU A 86 6.11 6.11 24.30
CA LEU A 86 6.61 4.75 24.39
C LEU A 86 7.78 4.48 23.45
N GLY A 87 8.23 5.46 22.68
CA GLY A 87 9.40 5.32 21.85
C GLY A 87 9.17 5.28 20.36
N GLY A 88 7.95 5.53 19.90
CA GLY A 88 7.70 5.52 18.47
C GLY A 88 7.09 4.20 18.00
N LEU A 89 6.50 4.25 16.81
CA LEU A 89 5.77 3.10 16.29
C LEU A 89 6.69 1.93 16.01
N HIS A 90 7.91 2.19 15.50
CA HIS A 90 8.82 1.10 15.19
C HIS A 90 9.13 0.27 16.44
N SER A 91 9.55 0.95 17.51
CA SER A 91 9.85 0.26 18.76
C SER A 91 8.59 -0.39 19.35
N PHE A 92 7.46 0.30 19.27
CA PHE A 92 6.21 -0.19 19.85
C PHE A 92 5.84 -1.55 19.30
N MET A 93 5.76 -1.67 17.98
CA MET A 93 5.32 -2.91 17.36
C MET A 93 6.46 -3.83 16.96
N GLY A 94 7.71 -3.40 17.07
CA GLY A 94 8.83 -4.31 16.79
C GLY A 94 9.18 -4.49 15.33
N TRP A 95 8.91 -3.49 14.49
CA TRP A 95 9.32 -3.48 13.09
C TRP A 95 10.32 -2.34 12.91
N ASP A 96 11.57 -2.67 12.56
CA ASP A 96 12.63 -1.67 12.57
C ASP A 96 12.96 -1.14 11.18
N ARG A 97 12.17 -1.48 10.18
CA ARG A 97 12.36 -1.11 8.79
C ARG A 97 11.41 0.04 8.43
N PRO A 98 11.40 0.53 7.17
CA PRO A 98 10.54 1.67 6.86
C PRO A 98 9.06 1.38 7.10
N ILE A 99 8.35 2.42 7.51
CA ILE A 99 6.89 2.41 7.65
C ILE A 99 6.36 3.62 6.91
N LEU A 100 5.38 3.41 6.04
CA LEU A 100 4.62 4.51 5.44
C LEU A 100 3.32 4.64 6.22
N THR A 101 2.96 5.87 6.59
CA THR A 101 1.69 6.10 7.25
C THR A 101 0.76 6.87 6.32
N ASP A 102 -0.44 6.33 6.11
CA ASP A 102 -1.45 7.14 5.46
C ASP A 102 -1.85 8.28 6.39
N SER A 103 -2.40 9.34 5.81
CA SER A 103 -2.60 10.60 6.50
C SER A 103 -3.88 10.66 7.31
N GLY A 104 -4.82 9.76 7.07
CA GLY A 104 -6.08 9.76 7.79
C GLY A 104 -7.24 10.34 7.01
N GLY A 105 -6.97 10.93 5.84
CA GLY A 105 -8.03 11.58 5.07
C GLY A 105 -9.11 10.61 4.62
N TYR A 106 -8.72 9.39 4.24
CA TYR A 106 -9.71 8.43 3.76
C TYR A 106 -10.59 7.93 4.90
N GLN A 107 -10.00 7.56 6.04
CA GLN A 107 -10.80 7.01 7.12
C GLN A 107 -11.68 8.08 7.76
N VAL A 108 -11.21 9.32 7.82
CA VAL A 108 -12.06 10.42 8.26
C VAL A 108 -13.37 10.39 7.49
N MET A 109 -13.30 10.14 6.19
CA MET A 109 -14.50 10.01 5.36
C MET A 109 -15.18 8.66 5.57
N SER A 110 -14.41 7.57 5.48
CA SER A 110 -15.00 6.24 5.31
C SER A 110 -15.51 5.64 6.61
N LEU A 111 -14.91 5.99 7.75
CA LEU A 111 -15.21 5.32 9.00
C LEU A 111 -15.80 6.22 10.08
N SER A 112 -15.54 7.52 10.05
CA SER A 112 -15.97 8.37 11.15
C SER A 112 -17.37 8.90 10.92
N SER A 113 -17.91 9.54 11.96
CA SER A 113 -19.27 10.07 11.93
C SER A 113 -19.28 11.58 12.15
N GLN A 117 -16.21 19.57 8.36
CA GLN A 117 -15.30 19.77 7.22
C GLN A 117 -15.26 21.24 6.79
N SER A 118 -14.11 21.87 7.02
CA SER A 118 -13.87 23.26 6.65
C SER A 118 -12.59 23.34 5.84
N GLU A 119 -12.22 24.56 5.44
CA GLU A 119 -10.91 24.75 4.81
C GLU A 119 -9.77 24.48 5.80
N GLU A 120 -10.01 24.68 7.10
CA GLU A 120 -8.96 24.45 8.08
C GLU A 120 -8.68 22.96 8.25
N GLY A 121 -9.74 22.14 8.17
CA GLY A 121 -9.58 20.71 8.41
C GLY A 121 -10.92 20.06 8.63
N VAL A 122 -10.90 18.97 9.40
CA VAL A 122 -12.11 18.20 9.65
C VAL A 122 -12.22 17.89 11.15
N THR A 123 -13.42 18.05 11.69
CA THR A 123 -13.79 17.56 13.00
C THR A 123 -14.69 16.35 12.82
N PHE A 124 -14.56 15.37 13.72
CA PHE A 124 -15.28 14.12 13.57
C PHE A 124 -15.39 13.40 14.90
N LYS A 125 -16.28 12.42 14.95
CA LYS A 125 -16.42 11.51 16.08
C LYS A 125 -15.93 10.13 15.69
N SER A 126 -15.17 9.50 16.59
CA SER A 126 -14.65 8.15 16.35
C SER A 126 -15.78 7.13 16.14
N HIS A 133 -12.59 14.34 17.94
CA HIS A 133 -11.24 14.55 17.43
C HIS A 133 -11.25 15.51 16.24
N MET A 134 -10.07 16.04 15.90
CA MET A 134 -9.91 16.94 14.77
C MET A 134 -8.70 16.53 13.95
N LEU A 135 -8.77 16.81 12.65
CA LEU A 135 -7.65 16.54 11.75
C LEU A 135 -7.51 17.68 10.77
N SER A 136 -6.29 18.17 10.64
CA SER A 136 -5.90 19.22 9.72
C SER A 136 -4.61 18.76 9.06
N PRO A 137 -4.21 19.41 7.96
CA PRO A 137 -2.87 19.11 7.42
C PRO A 137 -1.78 19.18 8.49
N GLU A 138 -1.76 20.24 9.30
CA GLU A 138 -0.70 20.39 10.29
C GLU A 138 -0.79 19.32 11.37
N ARG A 139 -2.01 18.97 11.81
CA ARG A 139 -2.14 17.95 12.85
C ARG A 139 -1.77 16.57 12.32
N SER A 140 -2.13 16.28 11.06
CA SER A 140 -1.77 14.97 10.48
C SER A 140 -0.27 14.79 10.40
N ILE A 141 0.44 15.83 9.97
CA ILE A 141 1.90 15.73 9.88
C ILE A 141 2.50 15.56 11.28
N GLU A 142 1.98 16.29 12.27
N GLU A 142 1.98 16.27 12.27
CA GLU A 142 2.48 16.17 13.63
CA GLU A 142 2.51 16.15 13.63
C GLU A 142 2.25 14.76 14.17
C GLU A 142 2.25 14.77 14.21
N ILE A 143 1.06 14.20 13.95
CA ILE A 143 0.79 12.83 14.38
C ILE A 143 1.77 11.86 13.73
N GLN A 144 1.99 12.01 12.42
CA GLN A 144 2.92 11.13 11.75
C GLN A 144 4.34 11.34 12.26
N HIS A 145 4.68 12.56 12.65
CA HIS A 145 5.96 12.77 13.32
C HIS A 145 6.01 12.01 14.64
N LEU A 146 4.95 12.13 15.45
CA LEU A 146 4.90 11.45 16.73
C LEU A 146 5.01 9.94 16.56
N LEU A 147 4.40 9.38 15.51
CA LEU A 147 4.53 7.96 15.24
C LEU A 147 5.95 7.58 14.82
N GLY A 148 6.70 8.52 14.25
CA GLY A 148 8.01 8.18 13.73
C GLY A 148 7.98 7.58 12.34
N SER A 149 6.95 7.90 11.56
N SER A 149 6.94 7.89 11.56
CA SER A 149 6.84 7.40 10.20
CA SER A 149 6.80 7.40 10.19
C SER A 149 8.06 7.76 9.36
C SER A 149 7.98 7.80 9.32
N ASP A 150 8.40 6.89 8.43
CA ASP A 150 9.47 7.13 7.46
C ASP A 150 8.97 7.79 6.18
N ILE A 151 7.82 7.35 5.67
CA ILE A 151 7.18 8.02 4.54
C ILE A 151 5.86 8.57 5.05
N VAL A 152 5.76 9.89 5.07
CA VAL A 152 4.61 10.65 5.55
C VAL A 152 3.75 10.98 4.34
N MET A 153 2.43 10.75 4.46
CA MET A 153 1.52 11.13 3.39
C MET A 153 0.91 12.49 3.68
N ALA A 154 0.80 13.31 2.66
CA ALA A 154 0.09 14.59 2.79
C ALA A 154 -1.36 14.33 3.16
N PHE A 155 -1.94 15.25 3.92
CA PHE A 155 -3.33 15.10 4.35
C PHE A 155 -4.24 15.64 3.26
N ASP A 156 -5.19 14.82 2.83
CA ASP A 156 -6.06 15.22 1.73
C ASP A 156 -7.51 15.20 2.20
N GLU A 157 -8.39 15.74 1.35
CA GLU A 157 -9.83 15.66 1.55
C GLU A 157 -10.39 14.70 0.51
N CYS A 158 -10.95 13.60 0.97
CA CYS A 158 -11.48 12.58 0.08
C CYS A 158 -12.97 12.78 -0.16
N THR A 159 -13.43 12.34 -1.32
CA THR A 159 -14.84 12.38 -1.60
C THR A 159 -15.32 10.98 -2.00
N PRO A 160 -16.55 10.61 -1.65
CA PRO A 160 -17.02 9.25 -1.92
C PRO A 160 -17.13 8.96 -3.41
N TYR A 161 -17.20 7.66 -3.71
CA TYR A 161 -17.41 7.16 -5.07
C TYR A 161 -18.88 6.77 -5.23
N PRO A 162 -19.47 7.01 -6.41
CA PRO A 162 -18.88 7.74 -7.54
C PRO A 162 -19.06 9.25 -7.38
N ALA A 163 -17.95 9.98 -7.36
CA ALA A 163 -18.02 11.42 -7.21
C ALA A 163 -18.53 12.08 -8.48
N THR A 164 -19.21 13.21 -8.32
CA THR A 164 -19.60 14.04 -9.45
C THR A 164 -18.40 14.88 -9.89
N PRO A 165 -18.45 15.48 -11.09
CA PRO A 165 -17.37 16.40 -11.47
C PRO A 165 -17.19 17.54 -10.48
N SER A 166 -18.28 18.04 -9.90
CA SER A 166 -18.19 19.15 -8.95
C SER A 166 -17.54 18.71 -7.65
N ARG A 167 -17.98 17.58 -7.09
CA ARG A 167 -17.39 17.09 -5.84
C ARG A 167 -15.95 16.60 -6.05
N ALA A 168 -15.62 16.10 -7.24
CA ALA A 168 -14.25 15.70 -7.53
C ALA A 168 -13.31 16.90 -7.59
N ALA A 169 -13.69 17.92 -8.36
CA ALA A 169 -12.86 19.11 -8.48
C ALA A 169 -12.72 19.84 -7.14
N SER A 170 -13.81 19.95 -6.38
CA SER A 170 -13.76 20.67 -5.12
C SER A 170 -12.90 19.96 -4.10
N SER A 171 -13.02 18.63 -4.02
CA SER A 171 -12.14 17.85 -3.15
C SER A 171 -10.70 17.94 -3.63
N MET A 172 -10.48 17.94 -4.94
CA MET A 172 -9.12 17.95 -5.45
C MET A 172 -8.42 19.27 -5.15
N GLU A 173 -9.08 20.39 -5.42
CA GLU A 173 -8.45 21.69 -5.24
C GLU A 173 -8.12 21.95 -3.76
N ARG A 174 -9.07 21.63 -2.87
CA ARG A 174 -8.76 21.72 -1.44
C ARG A 174 -7.60 20.80 -1.07
N SER A 175 -7.60 19.58 -1.60
CA SER A 175 -6.47 18.68 -1.35
C SER A 175 -5.15 19.29 -1.81
N MET A 176 -5.17 20.10 -2.87
CA MET A 176 -3.93 20.70 -3.32
C MET A 176 -3.49 21.82 -2.40
N ARG A 177 -4.43 22.63 -1.90
CA ARG A 177 -4.08 23.60 -0.88
C ARG A 177 -3.57 22.90 0.38
N TRP A 178 -4.20 21.79 0.76
CA TRP A 178 -3.74 21.04 1.92
C TRP A 178 -2.40 20.36 1.68
N ALA A 179 -2.05 20.08 0.43
CA ALA A 179 -0.74 19.52 0.13
C ALA A 179 0.37 20.53 0.40
N LYS A 180 0.13 21.80 0.07
CA LYS A 180 1.13 22.82 0.38
C LYS A 180 1.28 22.98 1.88
N ARG A 181 0.17 22.99 2.62
CA ARG A 181 0.22 23.10 4.08
C ARG A 181 0.94 21.90 4.69
N SER A 182 0.70 20.71 4.15
CA SER A 182 1.42 19.51 4.60
C SER A 182 2.91 19.65 4.37
N ARG A 183 3.29 20.11 3.18
CA ARG A 183 4.69 20.35 2.85
C ARG A 183 5.33 21.30 3.85
N ASP A 184 4.67 22.42 4.13
CA ASP A 184 5.26 23.42 5.03
C ASP A 184 5.38 22.90 6.46
N ALA A 185 4.36 22.18 6.93
CA ALA A 185 4.44 21.64 8.29
C ALA A 185 5.55 20.61 8.40
N PHE A 186 5.67 19.75 7.38
CA PHE A 186 6.77 18.80 7.33
C PHE A 186 8.11 19.52 7.34
N ASP A 187 8.28 20.54 6.50
CA ASP A 187 9.57 21.21 6.41
C ASP A 187 9.89 22.01 7.66
N SER A 188 8.88 22.42 8.42
CA SER A 188 9.10 23.15 9.67
C SER A 188 9.59 22.25 10.81
N ARG A 189 9.48 20.93 10.67
CA ARG A 189 9.89 20.00 11.71
C ARG A 189 11.24 19.42 11.29
N LYS A 190 12.32 19.95 11.88
CA LYS A 190 13.67 19.65 11.41
C LYS A 190 13.95 18.14 11.43
N GLU A 191 13.61 17.47 12.53
CA GLU A 191 13.89 16.04 12.65
C GLU A 191 13.13 15.24 11.60
N GLN A 192 11.89 15.62 11.33
CA GLN A 192 11.10 14.97 10.30
C GLN A 192 11.70 15.23 8.92
N ALA A 193 11.99 16.48 8.60
CA ALA A 193 12.53 16.83 7.29
C ALA A 193 13.86 16.12 7.02
N GLU A 194 14.68 15.90 8.05
CA GLU A 194 16.00 15.32 7.84
C GLU A 194 15.99 13.81 7.78
N ASN A 195 14.98 13.17 8.36
CA ASN A 195 14.99 11.72 8.48
C ASN A 195 13.88 11.01 7.74
N ALA A 196 12.82 11.71 7.36
CA ALA A 196 11.67 11.10 6.72
C ALA A 196 11.51 11.67 5.32
N ALA A 197 10.52 11.13 4.59
CA ALA A 197 10.15 11.57 3.26
C ALA A 197 8.67 11.92 3.24
N LEU A 198 8.28 12.77 2.28
CA LEU A 198 6.91 13.26 2.18
C LEU A 198 6.37 12.98 0.79
N PHE A 199 5.20 12.34 0.69
CA PHE A 199 4.55 12.06 -0.58
C PHE A 199 3.29 12.91 -0.73
N GLY A 200 3.08 13.44 -1.96
CA GLY A 200 1.83 14.11 -2.28
C GLY A 200 0.84 13.12 -2.90
N ILE A 201 -0.44 13.45 -2.84
CA ILE A 201 -1.51 12.57 -3.33
C ILE A 201 -2.24 13.28 -4.44
N GLN A 202 -2.20 12.71 -5.65
CA GLN A 202 -2.93 13.21 -6.79
C GLN A 202 -4.39 12.79 -6.70
N GLN A 203 -5.30 13.76 -6.83
CA GLN A 203 -6.72 13.48 -6.84
C GLN A 203 -7.31 13.93 -8.18
N GLY A 204 -8.64 13.97 -8.27
CA GLY A 204 -9.26 14.37 -9.52
C GLY A 204 -10.15 13.31 -10.13
N SER A 205 -10.35 12.21 -9.41
CA SER A 205 -11.32 11.14 -9.76
C SER A 205 -10.95 10.62 -11.16
N VAL A 206 -11.92 10.40 -12.04
CA VAL A 206 -11.67 9.81 -13.34
C VAL A 206 -11.58 10.86 -14.44
N PHE A 207 -11.41 12.13 -14.07
CA PHE A 207 -11.43 13.23 -15.02
C PHE A 207 -10.00 13.63 -15.37
N GLU A 208 -9.68 13.57 -16.66
CA GLU A 208 -8.31 13.78 -17.10
C GLU A 208 -7.83 15.19 -16.76
N ASN A 209 -8.69 16.19 -16.99
CA ASN A 209 -8.31 17.57 -16.76
C ASN A 209 -7.94 17.81 -15.30
N LEU A 210 -8.75 17.29 -14.37
CA LEU A 210 -8.49 17.51 -12.96
C LEU A 210 -7.25 16.77 -12.49
N ARG A 211 -7.07 15.54 -12.97
CA ARG A 211 -5.83 14.80 -12.72
C ARG A 211 -4.60 15.62 -13.14
N GLN A 212 -4.70 16.30 -14.29
CA GLN A 212 -3.60 17.14 -14.76
C GLN A 212 -3.37 18.33 -13.85
N GLN A 213 -4.44 19.06 -13.54
CA GLN A 213 -4.33 20.18 -12.61
C GLN A 213 -3.75 19.73 -11.27
N SER A 214 -4.16 18.55 -10.81
CA SER A 214 -3.63 18.02 -9.56
C SER A 214 -2.14 17.71 -9.68
N ALA A 215 -1.76 17.00 -10.76
CA ALA A 215 -0.35 16.67 -10.95
C ALA A 215 0.52 17.92 -11.01
N ASP A 216 0.07 18.93 -11.78
CA ASP A 216 0.83 20.17 -11.90
C ASP A 216 1.02 20.84 -10.54
N ALA A 217 -0.05 20.93 -9.75
CA ALA A 217 0.05 21.56 -8.44
C ALA A 217 1.02 20.82 -7.53
N LEU A 218 0.96 19.48 -7.52
CA LEU A 218 1.87 18.72 -6.68
C LEU A 218 3.31 18.87 -7.12
N ALA A 219 3.56 18.85 -8.44
CA ALA A 219 4.92 18.98 -8.93
C ALA A 219 5.49 20.37 -8.65
N GLU A 220 4.64 21.40 -8.63
CA GLU A 220 5.13 22.74 -8.29
C GLU A 220 5.56 22.81 -6.83
N ILE A 221 4.85 22.12 -5.94
CA ILE A 221 5.23 22.09 -4.53
C ILE A 221 6.51 21.28 -4.35
N GLY A 222 6.56 20.11 -4.99
CA GLY A 222 7.73 19.24 -4.89
C GLY A 222 7.58 18.23 -3.78
N PHE A 223 7.54 16.95 -4.12
CA PHE A 223 7.46 15.90 -3.11
C PHE A 223 8.48 14.81 -3.42
N ASP A 224 8.73 13.99 -2.40
CA ASP A 224 9.64 12.85 -2.58
C ASP A 224 9.03 11.75 -3.43
N GLY A 225 7.71 11.64 -3.42
CA GLY A 225 7.02 10.64 -4.21
C GLY A 225 5.60 11.11 -4.42
N TYR A 226 4.91 10.48 -5.34
CA TYR A 226 3.58 10.92 -5.74
C TYR A 226 2.65 9.73 -5.74
N ALA A 227 1.61 9.81 -4.91
CA ALA A 227 0.60 8.78 -4.84
C ALA A 227 -0.57 9.14 -5.74
N VAL A 228 -1.20 8.11 -6.29
CA VAL A 228 -2.44 8.24 -7.05
C VAL A 228 -3.59 7.88 -6.13
N GLY A 229 -4.33 8.89 -5.67
CA GLY A 229 -5.45 8.64 -4.79
C GLY A 229 -6.75 8.48 -5.56
N GLY A 230 -7.81 8.14 -4.82
CA GLY A 230 -9.14 8.16 -5.38
C GLY A 230 -9.50 6.98 -6.26
N LEU A 231 -8.72 5.91 -6.21
CA LEU A 231 -9.00 4.68 -6.96
C LEU A 231 -9.14 3.51 -5.98
N ALA A 232 -9.48 2.35 -6.54
CA ALA A 232 -9.84 1.16 -5.76
C ALA A 232 -10.95 1.49 -4.76
N VAL A 233 -11.99 2.18 -5.27
CA VAL A 233 -13.14 2.54 -4.45
C VAL A 233 -14.42 2.04 -5.10
N GLY A 234 -14.28 1.23 -6.14
CA GLY A 234 -15.43 0.61 -6.78
C GLY A 234 -15.56 0.86 -8.26
N GLU A 235 -14.53 1.43 -8.88
CA GLU A 235 -14.62 1.86 -10.28
C GLU A 235 -14.44 0.73 -11.28
N GLY A 236 -13.99 -0.44 -10.87
CA GLY A 236 -13.75 -1.52 -11.82
C GLY A 236 -12.40 -1.40 -12.48
N GLN A 237 -11.81 -2.53 -12.87
CA GLN A 237 -10.42 -2.54 -13.33
C GLN A 237 -10.25 -1.78 -14.64
N ASP A 238 -11.19 -1.97 -15.58
CA ASP A 238 -11.11 -1.26 -16.85
C ASP A 238 -10.99 0.24 -16.64
N GLU A 239 -11.88 0.80 -15.81
CA GLU A 239 -11.87 2.24 -15.59
C GLU A 239 -10.63 2.67 -14.82
N MET A 240 -10.21 1.86 -13.84
CA MET A 240 -8.98 2.18 -13.12
C MET A 240 -7.79 2.23 -14.07
N PHE A 241 -7.67 1.23 -14.95
CA PHE A 241 -6.58 1.23 -15.92
C PHE A 241 -6.68 2.43 -16.85
N ARG A 242 -7.91 2.76 -17.28
CA ARG A 242 -8.08 3.92 -18.14
C ARG A 242 -7.58 5.19 -17.47
N VAL A 243 -7.86 5.34 -16.17
CA VAL A 243 -7.41 6.53 -15.45
C VAL A 243 -5.89 6.50 -15.28
N LEU A 244 -5.33 5.36 -14.91
CA LEU A 244 -3.87 5.23 -14.83
C LEU A 244 -3.20 5.53 -16.17
N ASP A 245 -3.86 5.19 -17.28
CA ASP A 245 -3.25 5.38 -18.60
C ASP A 245 -2.82 6.84 -18.81
N PHE A 246 -3.70 7.79 -18.46
CA PHE A 246 -3.30 9.18 -18.62
C PHE A 246 -2.75 9.82 -17.35
N SER A 247 -3.04 9.26 -16.16
CA SER A 247 -2.68 9.95 -14.93
C SER A 247 -1.21 9.73 -14.55
N VAL A 248 -0.68 8.53 -14.70
CA VAL A 248 0.69 8.30 -14.25
C VAL A 248 1.70 9.06 -15.11
N PRO A 249 1.53 9.18 -16.44
CA PRO A 249 2.46 10.03 -17.19
C PRO A 249 2.49 11.47 -16.74
N MET A 250 1.48 11.93 -16.01
CA MET A 250 1.46 13.31 -15.55
C MET A 250 2.42 13.55 -14.39
N LEU A 251 2.81 12.50 -13.68
CA LEU A 251 3.64 12.61 -12.50
C LEU A 251 5.11 12.67 -12.88
N PRO A 252 5.94 13.26 -12.03
CA PRO A 252 7.38 13.29 -12.30
C PRO A 252 7.92 11.87 -12.49
N ASP A 253 8.61 11.67 -13.61
CA ASP A 253 9.10 10.33 -13.95
C ASP A 253 10.17 9.86 -12.96
N ASP A 254 10.99 10.79 -12.42
CA ASP A 254 12.13 10.42 -11.59
C ASP A 254 11.76 10.18 -10.12
N LYS A 255 10.47 10.16 -9.77
CA LYS A 255 10.04 9.94 -8.40
C LYS A 255 9.13 8.72 -8.34
N PRO A 256 9.06 8.04 -7.19
CA PRO A 256 8.18 6.88 -7.07
C PRO A 256 6.72 7.24 -7.29
N HIS A 257 5.96 6.26 -7.80
CA HIS A 257 4.53 6.40 -8.07
C HIS A 257 3.80 5.35 -7.24
N TYR A 258 2.95 5.78 -6.31
CA TYR A 258 2.32 4.92 -5.32
C TYR A 258 0.82 4.86 -5.61
N LEU A 259 0.31 3.66 -5.94
CA LEU A 259 -1.13 3.49 -6.14
C LEU A 259 -1.75 2.99 -4.83
N MET A 260 -2.52 3.85 -4.18
CA MET A 260 -3.03 3.56 -2.85
C MET A 260 -4.22 2.59 -2.92
N GLY A 261 -4.19 1.56 -2.08
CA GLY A 261 -5.33 0.66 -1.93
C GLY A 261 -5.46 -0.43 -2.98
N VAL A 262 -4.46 -0.60 -3.83
CA VAL A 262 -4.51 -1.60 -4.88
C VAL A 262 -3.43 -2.66 -4.63
N GLY A 263 -3.74 -3.95 -4.77
CA GLY A 263 -5.05 -4.47 -5.09
C GLY A 263 -4.94 -5.94 -5.39
N LYS A 264 -5.85 -6.49 -6.21
CA LYS A 264 -5.76 -7.88 -6.63
C LYS A 264 -4.48 -8.10 -7.46
N PRO A 265 -3.99 -9.34 -7.51
CA PRO A 265 -2.74 -9.59 -8.26
C PRO A 265 -2.75 -9.09 -9.70
N ASP A 266 -3.84 -9.28 -10.45
CA ASP A 266 -3.90 -8.76 -11.81
C ASP A 266 -3.94 -7.23 -11.84
N ASP A 267 -4.59 -6.61 -10.84
CA ASP A 267 -4.55 -5.15 -10.72
C ASP A 267 -3.11 -4.66 -10.62
N ILE A 268 -2.33 -5.33 -9.78
CA ILE A 268 -0.94 -4.92 -9.55
C ILE A 268 -0.14 -5.04 -10.83
N VAL A 269 -0.28 -6.15 -11.55
CA VAL A 269 0.50 -6.36 -12.78
C VAL A 269 0.17 -5.27 -13.79
N GLY A 270 -1.12 -5.01 -14.00
CA GLY A 270 -1.51 -3.99 -14.96
C GLY A 270 -1.11 -2.59 -14.53
N ALA A 271 -1.11 -2.32 -13.23
CA ALA A 271 -0.68 -1.01 -12.76
C ALA A 271 0.82 -0.82 -12.96
N VAL A 272 1.60 -1.89 -12.78
CA VAL A 272 3.03 -1.80 -13.05
C VAL A 272 3.27 -1.55 -14.54
N GLU A 273 2.49 -2.20 -15.41
CA GLU A 273 2.58 -1.95 -16.85
C GLU A 273 2.33 -0.50 -17.18
N ARG A 274 1.70 0.24 -16.26
CA ARG A 274 1.32 1.62 -16.46
C ARG A 274 2.13 2.59 -15.62
N GLY A 275 3.21 2.13 -14.98
CA GLY A 275 4.15 3.01 -14.32
C GLY A 275 4.10 3.11 -12.80
N ILE A 276 3.32 2.24 -12.13
CA ILE A 276 3.22 2.30 -10.66
C ILE A 276 4.37 1.55 -10.02
N ASP A 277 4.92 2.12 -8.94
CA ASP A 277 6.06 1.56 -8.21
C ASP A 277 5.72 1.01 -6.84
N MET A 278 4.57 1.36 -6.26
CA MET A 278 4.27 1.01 -4.88
C MET A 278 2.79 0.73 -4.73
N PHE A 279 2.48 -0.23 -3.86
CA PHE A 279 1.13 -0.77 -3.69
C PHE A 279 0.88 -1.07 -2.22
N ASP A 280 -0.38 -0.97 -1.80
CA ASP A 280 -0.80 -1.48 -0.51
C ASP A 280 -2.23 -1.97 -0.62
N CYS A 281 -2.56 -3.04 0.10
CA CYS A 281 -3.97 -3.37 0.23
CA CYS A 281 -3.93 -3.52 0.10
C CYS A 281 -4.15 -4.43 1.29
N VAL A 282 -5.36 -4.44 1.83
CA VAL A 282 -5.71 -5.39 2.89
C VAL A 282 -6.11 -6.75 2.33
N LEU A 283 -6.25 -6.88 1.00
CA LEU A 283 -6.76 -8.13 0.43
C LEU A 283 -6.01 -9.38 0.87
N PRO A 284 -4.67 -9.45 0.81
CA PRO A 284 -4.02 -10.73 1.20
C PRO A 284 -4.22 -11.07 2.65
N THR A 285 -4.21 -10.07 3.53
CA THR A 285 -4.43 -10.34 4.95
C THR A 285 -5.90 -10.63 5.21
N ARG A 286 -6.79 -9.72 4.80
CA ARG A 286 -8.19 -9.86 5.13
C ARG A 286 -8.81 -11.10 4.48
N SER A 287 -8.55 -11.33 3.19
CA SER A 287 -9.21 -12.49 2.59
C SER A 287 -8.54 -13.78 3.00
N GLY A 288 -7.27 -13.75 3.41
CA GLY A 288 -6.66 -14.93 3.99
C GLY A 288 -7.38 -15.41 5.24
N ARG A 289 -7.70 -14.49 6.15
CA ARG A 289 -8.45 -14.85 7.33
C ARG A 289 -9.84 -15.36 6.98
N ASN A 290 -10.38 -14.96 5.82
CA ASN A 290 -11.70 -15.40 5.37
C ASN A 290 -11.65 -16.71 4.59
N GLY A 291 -10.47 -17.25 4.34
CA GLY A 291 -10.37 -18.55 3.68
C GLY A 291 -9.90 -18.51 2.24
N GLN A 292 -9.60 -17.33 1.70
CA GLN A 292 -9.14 -17.23 0.31
C GLN A 292 -7.61 -17.24 0.27
N ALA A 293 -7.04 -18.20 -0.47
CA ALA A 293 -5.60 -18.30 -0.67
C ALA A 293 -5.24 -18.03 -2.12
N PHE A 294 -4.24 -17.20 -2.35
CA PHE A 294 -3.81 -16.92 -3.72
C PHE A 294 -2.85 -18.00 -4.21
N THR A 295 -3.06 -18.44 -5.46
CA THR A 295 -2.18 -19.38 -6.14
C THR A 295 -1.90 -18.86 -7.54
N TRP A 296 -0.87 -19.43 -8.19
CA TRP A 296 -0.57 -19.04 -9.56
C TRP A 296 -1.64 -19.49 -10.53
N ASP A 297 -2.53 -20.41 -10.11
CA ASP A 297 -3.68 -20.79 -10.89
C ASP A 297 -4.95 -20.06 -10.46
N GLY A 298 -4.81 -18.92 -9.78
CA GLY A 298 -5.97 -18.19 -9.31
C GLY A 298 -6.25 -18.46 -7.85
N PRO A 299 -7.12 -17.65 -7.25
CA PRO A 299 -7.46 -17.84 -5.84
C PRO A 299 -8.28 -19.10 -5.65
N ILE A 300 -8.17 -19.69 -4.46
CA ILE A 300 -9.00 -20.81 -4.05
C ILE A 300 -9.59 -20.48 -2.70
N ASN A 301 -10.77 -21.02 -2.39
CA ASN A 301 -11.31 -20.89 -1.04
CA ASN A 301 -11.37 -20.90 -1.07
C ASN A 301 -11.08 -22.20 -0.33
N ILE A 302 -10.18 -22.17 0.64
CA ILE A 302 -9.71 -23.37 1.31
C ILE A 302 -10.82 -24.05 2.11
N ARG A 303 -11.91 -23.35 2.41
N ARG A 303 -11.91 -23.34 2.43
CA ARG A 303 -13.01 -23.99 3.13
CA ARG A 303 -13.02 -23.97 3.13
C ARG A 303 -13.78 -24.98 2.26
C ARG A 303 -13.76 -24.98 2.26
N ASN A 304 -13.64 -24.89 0.93
CA ASN A 304 -14.42 -25.75 0.05
C ASN A 304 -14.14 -27.21 0.35
N ALA A 305 -15.20 -28.03 0.32
CA ALA A 305 -15.06 -29.44 0.69
C ALA A 305 -14.07 -30.19 -0.18
N ARG A 306 -13.80 -29.72 -1.40
CA ARG A 306 -12.82 -30.38 -2.26
C ARG A 306 -11.41 -30.40 -1.68
N PHE A 307 -11.10 -29.62 -0.64
CA PHE A 307 -9.76 -29.59 -0.06
C PHE A 307 -9.63 -30.44 1.20
N SER A 308 -10.69 -31.14 1.62
CA SER A 308 -10.70 -31.80 2.92
C SER A 308 -9.63 -32.89 3.03
N GLU A 309 -9.26 -33.51 1.90
CA GLU A 309 -8.22 -34.54 1.92
C GLU A 309 -7.12 -34.22 0.92
N ASP A 310 -6.94 -32.96 0.57
CA ASP A 310 -5.91 -32.54 -0.36
C ASP A 310 -4.59 -32.38 0.40
N LEU A 311 -3.63 -33.27 0.13
CA LEU A 311 -2.35 -33.22 0.83
C LEU A 311 -1.39 -32.22 0.21
N LYS A 312 -1.72 -31.64 -0.94
CA LYS A 312 -0.82 -30.67 -1.56
C LYS A 312 -0.78 -29.38 -0.75
N PRO A 313 0.31 -28.63 -0.87
CA PRO A 313 0.36 -27.28 -0.27
C PRO A 313 -0.63 -26.34 -0.95
N LEU A 314 -0.87 -25.20 -0.29
CA LEU A 314 -1.77 -24.18 -0.86
C LEU A 314 -1.43 -23.91 -2.32
N ASP A 315 -0.14 -23.69 -2.63
CA ASP A 315 0.31 -23.51 -4.01
C ASP A 315 1.53 -24.38 -4.26
N SER A 316 1.56 -25.01 -5.44
CA SER A 316 2.56 -26.02 -5.78
C SER A 316 3.95 -25.47 -6.02
N GLU A 317 4.10 -24.16 -6.20
CA GLU A 317 5.41 -23.57 -6.45
C GLU A 317 5.86 -22.66 -5.33
N CYS A 318 4.94 -22.22 -4.48
CA CYS A 318 5.23 -21.23 -3.45
C CYS A 318 6.37 -21.67 -2.55
N HIS A 319 7.26 -20.74 -2.21
CA HIS A 319 8.40 -21.04 -1.38
C HIS A 319 8.16 -20.75 0.09
N CYS A 320 6.95 -20.35 0.47
CA CYS A 320 6.76 -19.87 1.82
C CYS A 320 6.78 -21.02 2.83
N ALA A 321 6.98 -20.68 4.10
CA ALA A 321 7.11 -21.69 5.13
C ALA A 321 5.83 -22.51 5.29
N VAL A 322 4.68 -21.90 5.00
CA VAL A 322 3.41 -22.62 5.12
C VAL A 322 3.34 -23.73 4.09
N CYS A 323 3.74 -23.43 2.86
CA CYS A 323 3.67 -24.40 1.78
C CYS A 323 4.77 -25.45 1.87
N GLN A 324 5.83 -25.18 2.65
CA GLN A 324 6.82 -26.21 2.91
C GLN A 324 6.35 -27.23 3.95
N LYS A 325 5.42 -26.87 4.84
N LYS A 325 5.43 -26.88 4.84
CA LYS A 325 5.14 -27.64 6.05
CA LYS A 325 5.14 -27.78 5.94
C LYS A 325 3.73 -28.22 6.14
C LYS A 325 3.72 -28.32 5.98
N TRP A 326 2.70 -27.52 5.67
CA TRP A 326 1.32 -27.96 5.91
C TRP A 326 0.52 -28.15 4.62
N SER A 327 -0.46 -29.05 4.68
CA SER A 327 -1.31 -29.38 3.56
C SER A 327 -2.53 -28.47 3.48
N ARG A 328 -3.11 -28.38 2.29
CA ARG A 328 -4.43 -27.79 2.13
C ARG A 328 -5.42 -28.41 3.11
N ALA A 329 -5.38 -29.75 3.27
CA ALA A 329 -6.34 -30.43 4.13
C ALA A 329 -6.28 -29.92 5.57
N TYR A 330 -5.07 -29.69 6.09
CA TYR A 330 -4.94 -29.19 7.46
C TYR A 330 -5.45 -27.77 7.59
N ILE A 331 -5.09 -26.91 6.62
CA ILE A 331 -5.52 -25.51 6.69
C ILE A 331 -7.04 -25.42 6.52
N HIS A 332 -7.59 -26.25 5.64
CA HIS A 332 -9.04 -26.38 5.49
C HIS A 332 -9.70 -26.66 6.84
N HIS A 333 -9.18 -27.66 7.56
CA HIS A 333 -9.67 -27.99 8.89
C HIS A 333 -9.58 -26.80 9.84
N LEU A 334 -8.41 -26.12 9.86
CA LEU A 334 -8.24 -25.01 10.80
C LEU A 334 -9.24 -23.89 10.54
N ILE A 335 -9.39 -23.50 9.27
CA ILE A 335 -10.28 -22.39 8.96
C ILE A 335 -11.73 -22.78 9.25
N ARG A 336 -12.11 -24.01 8.92
CA ARG A 336 -13.48 -24.42 9.21
C ARG A 336 -13.73 -24.50 10.72
N ALA A 337 -12.71 -24.83 11.51
CA ALA A 337 -12.82 -24.87 12.96
C ALA A 337 -12.71 -23.50 13.62
N GLY A 338 -12.47 -22.45 12.85
CA GLY A 338 -12.28 -21.12 13.45
C GLY A 338 -10.99 -20.95 14.22
N GLU A 339 -9.96 -21.73 13.91
CA GLU A 339 -8.73 -21.72 14.70
C GLU A 339 -7.82 -20.58 14.30
N ILE A 340 -7.20 -19.97 15.31
CA ILE A 340 -6.29 -18.84 15.03
C ILE A 340 -5.14 -19.27 14.13
N LEU A 341 -4.63 -20.49 14.31
CA LEU A 341 -3.53 -20.89 13.45
C LEU A 341 -3.96 -20.91 11.98
N GLY A 342 -5.24 -21.13 11.71
CA GLY A 342 -5.70 -21.03 10.32
C GLY A 342 -5.46 -19.65 9.73
N ALA A 343 -5.86 -18.62 10.48
CA ALA A 343 -5.64 -17.24 10.08
C ALA A 343 -4.15 -16.94 9.93
N MET A 344 -3.33 -17.38 10.89
CA MET A 344 -1.88 -17.18 10.80
C MET A 344 -1.29 -17.78 9.53
N LEU A 345 -1.63 -19.04 9.24
CA LEU A 345 -1.01 -19.70 8.09
C LEU A 345 -1.52 -19.13 6.77
N MET A 346 -2.83 -18.87 6.67
CA MET A 346 -3.36 -18.30 5.44
C MET A 346 -2.72 -16.95 5.17
N THR A 347 -2.54 -16.17 6.22
CA THR A 347 -2.03 -14.81 6.05
C THR A 347 -0.57 -14.82 5.64
N GLU A 348 0.24 -15.65 6.29
CA GLU A 348 1.65 -15.76 5.92
C GLU A 348 1.77 -16.21 4.47
N HIS A 349 1.00 -17.22 4.06
CA HIS A 349 1.10 -17.65 2.67
C HIS A 349 0.67 -16.55 1.71
N ASN A 350 -0.43 -15.85 2.01
CA ASN A 350 -0.93 -14.83 1.07
C ASN A 350 0.06 -13.68 0.94
N ILE A 351 0.63 -13.23 2.05
CA ILE A 351 1.60 -12.13 1.98
C ILE A 351 2.87 -12.58 1.28
N ALA A 352 3.28 -13.84 1.53
CA ALA A 352 4.43 -14.40 0.81
C ALA A 352 4.15 -14.51 -0.68
N PHE A 353 2.94 -14.95 -1.05
CA PHE A 353 2.57 -14.99 -2.47
C PHE A 353 2.68 -13.60 -3.10
N TYR A 354 2.11 -12.58 -2.45
CA TYR A 354 2.23 -11.22 -2.98
C TYR A 354 3.69 -10.80 -3.15
N GLN A 355 4.54 -11.09 -2.17
CA GLN A 355 5.95 -10.71 -2.30
C GLN A 355 6.63 -11.50 -3.42
N GLN A 356 6.27 -12.77 -3.61
CA GLN A 356 6.83 -13.51 -4.73
C GLN A 356 6.36 -12.92 -6.07
N LEU A 357 5.12 -12.45 -6.12
CA LEU A 357 4.64 -11.76 -7.32
C LEU A 357 5.48 -10.53 -7.61
N MET A 358 5.71 -9.69 -6.59
CA MET A 358 6.54 -8.50 -6.78
C MET A 358 7.96 -8.86 -7.21
N GLN A 359 8.53 -9.92 -6.62
CA GLN A 359 9.84 -10.37 -7.04
C GLN A 359 9.85 -10.80 -8.51
N LYS A 360 8.84 -11.56 -8.94
CA LYS A 360 8.81 -11.96 -10.35
C LYS A 360 8.63 -10.76 -11.26
N ILE A 361 7.84 -9.77 -10.82
CA ILE A 361 7.70 -8.53 -11.58
C ILE A 361 9.04 -7.81 -11.68
N ARG A 362 9.73 -7.65 -10.55
CA ARG A 362 11.02 -6.95 -10.57
C ARG A 362 12.04 -7.66 -11.45
N ASP A 363 12.19 -8.98 -11.29
CA ASP A 363 13.13 -9.71 -12.12
C ASP A 363 12.79 -9.62 -13.60
N SER A 364 11.51 -9.73 -13.94
CA SER A 364 11.18 -9.74 -15.35
C SER A 364 11.42 -8.37 -16.00
N ILE A 365 11.17 -7.28 -15.26
CA ILE A 365 11.49 -5.96 -15.81
C ILE A 365 13.00 -5.82 -15.97
N SER A 366 13.76 -6.20 -14.93
N SER A 366 13.77 -6.20 -14.94
CA SER A 366 15.22 -6.14 -14.99
CA SER A 366 15.22 -6.08 -15.06
C SER A 366 15.76 -6.90 -16.20
C SER A 366 15.78 -6.91 -16.21
N GLU A 367 15.10 -7.99 -16.58
CA GLU A 367 15.55 -8.85 -17.65
C GLU A 367 14.87 -8.54 -18.98
N GLY A 368 14.04 -7.50 -19.04
CA GLY A 368 13.42 -7.14 -20.29
C GLY A 368 12.44 -8.16 -20.82
N ARG A 369 11.75 -8.88 -19.94
CA ARG A 369 10.75 -9.85 -20.34
C ARG A 369 9.49 -9.72 -19.49
N PHE A 370 9.19 -8.49 -19.02
CA PHE A 370 8.01 -8.32 -18.18
C PHE A 370 6.72 -8.45 -18.98
N SER A 371 6.72 -7.96 -20.23
CA SER A 371 5.56 -8.14 -21.09
C SER A 371 5.18 -9.62 -21.21
N GLN A 372 6.16 -10.48 -21.48
CA GLN A 372 5.91 -11.92 -21.55
C GLN A 372 5.46 -12.46 -20.20
N PHE A 373 6.06 -11.98 -19.11
CA PHE A 373 5.63 -12.46 -17.80
C PHE A 373 4.18 -12.11 -17.55
N ALA A 374 3.77 -10.88 -17.88
CA ALA A 374 2.40 -10.47 -17.65
C ALA A 374 1.43 -11.34 -18.43
N GLN A 375 1.76 -11.63 -19.69
CA GLN A 375 0.89 -12.49 -20.50
C GLN A 375 0.86 -13.90 -19.92
N ASP A 376 2.01 -14.44 -19.56
CA ASP A 376 2.06 -15.79 -18.99
C ASP A 376 1.34 -15.85 -17.66
N PHE A 377 1.52 -14.82 -16.82
CA PHE A 377 0.82 -14.76 -15.55
C PHE A 377 -0.69 -14.79 -15.76
N ARG A 378 -1.21 -13.91 -16.64
CA ARG A 378 -2.66 -13.81 -16.80
C ARG A 378 -3.24 -15.08 -17.42
N ALA A 379 -2.53 -15.70 -18.37
CA ALA A 379 -3.07 -16.89 -19.02
C ALA A 379 -3.28 -18.02 -18.02
N ARG A 380 -2.33 -18.20 -17.11
CA ARG A 380 -2.44 -19.25 -16.11
C ARG A 380 -3.34 -18.85 -14.95
N TYR A 381 -3.27 -17.59 -14.52
CA TYR A 381 -4.05 -17.18 -13.36
C TYR A 381 -5.55 -17.16 -13.64
N PHE A 382 -5.95 -16.88 -14.89
CA PHE A 382 -7.36 -16.84 -15.25
C PHE A 382 -7.80 -18.04 -16.08
N ALA A 383 -6.97 -19.07 -16.20
CA ALA A 383 -7.31 -20.27 -16.98
C ALA A 383 -8.60 -20.91 -16.47
ZN ZN B . 2.84 -20.57 0.37
C1 GOL C . 11.54 -7.86 11.93
O1 GOL C . 11.03 -7.86 13.24
C2 GOL C . 12.48 -6.68 11.80
O2 GOL C . 12.06 -5.63 12.66
C3 GOL C . 12.57 -6.24 10.35
O3 GOL C . 13.90 -5.88 10.06
C1 GOL D . 3.43 -17.09 -13.62
O1 GOL D . 2.36 -17.94 -13.99
C2 GOL D . 4.62 -17.97 -13.28
O2 GOL D . 5.78 -17.16 -13.15
C3 GOL D . 4.35 -18.66 -11.95
O3 GOL D . 5.42 -19.51 -11.63
N1 6N2 E . -5.30 9.57 2.14
C2 6N2 E . -6.67 6.87 -1.07
N3 6N2 E . -8.36 3.68 -1.96
C4 6N2 E . -7.66 4.74 -1.40
N4 6N2 E . -9.42 1.75 -1.16
C5 6N2 E . -8.68 2.85 -0.94
C6 6N2 E . -10.10 1.03 -0.10
C 6N2 E . -5.83 8.93 1.10
N 6N2 E . -6.06 9.58 -0.13
N2 6N2 E . -6.17 7.61 1.23
C1 6N2 E . -6.61 6.62 0.30
C13 6N2 E . -7.01 5.40 0.82
C12 6N2 E . -7.58 4.46 -0.04
C3 6N2 E . -7.19 5.92 -1.94
N6 6N2 E . -8.23 3.25 0.24
#